data_6ZR4
#
_entry.id   6ZR4
#
_cell.length_a   118.349
_cell.length_b   118.349
_cell.length_c   44.089
_cell.angle_alpha   90.000
_cell.angle_beta   90.000
_cell.angle_gamma   90.000
#
_symmetry.space_group_name_H-M   'P 4'
#
loop_
_entity.id
_entity.type
_entity.pdbx_description
1 polymer 'Fibrinogen C domain-containing protein 1'
2 branched beta-D-mannopyranose-(1-4)-2-acetamido-2-deoxy-beta-D-glucopyranose-(1-4)-2-acetamido-2-deoxy-beta-D-glucopyranose
3 non-polymer 'CALCIUM ION'
4 non-polymer 'SULFATE ION'
5 non-polymer 'ACETIC ACID'
6 non-polymer GLYCEROL
7 water water
#
_entity_poly.entity_id   1
_entity_poly.type   'polypeptide(L)'
_entity_poly.pdbx_seq_one_letter_code
;ATGSRPRDCLDVLLSGQQDDGVYSVFPTHYPAGFQVYCDMRTDGGGWTVFQRREDGSVNFFRGWDAYRDGFGRLTGEHWL
GLKRIHALTTQAAYELHVDLEDFENGTAYARYGSFGVGLFSVDPEEDGYPLTVADYSGTAGDSLLKHSGMRFTTKDRDSD
HSENNCAAFYRGAWWYRNCHTSNLNGQYLRGAHASYADGVEWSSWTGWQYSLKFSEMKIRPVREDR
;
_entity_poly.pdbx_strand_id   A,B
#
loop_
_chem_comp.id
_chem_comp.type
_chem_comp.name
_chem_comp.formula
ACY non-polymer 'ACETIC ACID' 'C2 H4 O2'
BMA D-saccharide, beta linking beta-D-mannopyranose 'C6 H12 O6'
CA non-polymer 'CALCIUM ION' 'Ca 2'
GOL non-polymer GLYCEROL 'C3 H8 O3'
NAG D-saccharide, beta linking 2-acetamido-2-deoxy-beta-D-glucopyranose 'C8 H15 N O6'
SO4 non-polymer 'SULFATE ION' 'O4 S -2'
#
# COMPACT_ATOMS: atom_id res chain seq x y z
N SER A 4 37.72 -28.28 35.52
CA SER A 4 38.80 -29.20 35.05
C SER A 4 38.50 -29.67 33.62
N ARG A 5 37.50 -30.55 33.46
CA ARG A 5 37.08 -31.14 32.15
C ARG A 5 35.58 -30.96 31.97
N PRO A 6 35.11 -29.72 31.75
CA PRO A 6 33.70 -29.48 31.43
C PRO A 6 33.35 -30.18 30.11
N ARG A 7 32.18 -30.81 30.05
CA ARG A 7 31.73 -31.61 28.87
C ARG A 7 31.08 -30.68 27.84
N ASP A 8 30.68 -29.47 28.25
CA ASP A 8 29.97 -28.47 27.40
C ASP A 8 29.98 -27.13 28.11
N CYS A 9 29.36 -26.11 27.50
CA CYS A 9 29.31 -24.72 28.00
C CYS A 9 28.47 -24.61 29.27
N LEU A 10 27.55 -25.54 29.55
CA LEU A 10 26.78 -25.48 30.82
C LEU A 10 27.73 -25.84 31.98
N ASP A 11 28.57 -26.87 31.83
CA ASP A 11 29.62 -27.22 32.83
C ASP A 11 30.57 -26.03 33.02
N VAL A 12 30.93 -25.33 31.94
CA VAL A 12 31.82 -24.13 32.03
C VAL A 12 31.12 -23.09 32.93
N LEU A 13 29.86 -22.79 32.66
CA LEU A 13 29.08 -21.79 33.44
C LEU A 13 29.00 -22.22 34.91
N LEU A 14 28.58 -23.45 35.18
CA LEU A 14 28.33 -23.94 36.55
C LEU A 14 29.64 -23.96 37.35
N SER A 15 30.80 -24.01 36.67
CA SER A 15 32.15 -23.98 37.30
C SER A 15 32.56 -22.54 37.67
N GLY A 16 31.75 -21.53 37.32
CA GLY A 16 31.94 -20.13 37.75
C GLY A 16 32.41 -19.20 36.64
N GLN A 17 32.55 -19.68 35.40
CA GLN A 17 32.91 -18.83 34.22
C GLN A 17 31.63 -18.20 33.65
N GLN A 18 31.43 -16.89 33.85
CA GLN A 18 30.17 -16.19 33.53
C GLN A 18 30.28 -15.41 32.21
N ASP A 19 31.48 -15.22 31.66
CA ASP A 19 31.69 -14.38 30.46
C ASP A 19 31.46 -15.20 29.19
N ASP A 20 30.65 -14.65 28.27
CA ASP A 20 30.60 -15.08 26.86
C ASP A 20 32.03 -15.21 26.35
N GLY A 21 32.33 -16.20 25.53
CA GLY A 21 33.66 -16.33 24.90
C GLY A 21 34.02 -17.76 24.59
N VAL A 22 35.30 -17.97 24.27
CA VAL A 22 35.84 -19.27 23.80
C VAL A 22 36.37 -20.04 24.99
N TYR A 23 35.95 -21.29 25.13
CA TYR A 23 36.33 -22.22 26.22
C TYR A 23 36.59 -23.61 25.65
N SER A 24 37.43 -24.37 26.35
CA SER A 24 37.72 -25.80 26.09
C SER A 24 36.63 -26.66 26.73
N VAL A 25 36.11 -27.63 25.97
CA VAL A 25 35.12 -28.63 26.46
C VAL A 25 35.60 -30.01 26.03
N PHE A 26 35.14 -31.05 26.72
CA PHE A 26 35.68 -32.43 26.62
C PHE A 26 34.53 -33.43 26.63
N PRO A 27 33.87 -33.64 25.48
CA PRO A 27 32.75 -34.58 25.41
C PRO A 27 33.19 -36.01 25.74
N THR A 28 32.26 -36.81 26.26
CA THR A 28 32.48 -38.21 26.70
C THR A 28 33.34 -38.97 25.67
N HIS A 29 32.95 -38.97 24.40
CA HIS A 29 33.59 -39.78 23.33
C HIS A 29 34.49 -38.92 22.43
N TYR A 30 34.91 -37.74 22.90
CA TYR A 30 35.90 -36.86 22.24
C TYR A 30 36.87 -36.35 23.32
N PRO A 31 37.60 -37.25 24.01
CA PRO A 31 38.41 -36.88 25.17
C PRO A 31 39.54 -35.86 24.92
N ALA A 32 40.06 -35.75 23.69
CA ALA A 32 41.04 -34.70 23.32
C ALA A 32 40.41 -33.32 23.56
N GLY A 33 39.09 -33.23 23.41
CA GLY A 33 38.34 -31.99 23.59
C GLY A 33 38.58 -31.05 22.43
N PHE A 34 37.95 -29.88 22.48
CA PHE A 34 38.06 -28.81 21.45
C PHE A 34 37.54 -27.52 22.05
N GLN A 35 37.77 -26.40 21.35
CA GLN A 35 37.28 -25.08 21.79
C GLN A 35 35.92 -24.80 21.15
N VAL A 36 35.03 -24.13 21.89
CA VAL A 36 33.70 -23.69 21.42
C VAL A 36 33.48 -22.25 21.86
N TYR A 37 32.51 -21.57 21.25
CA TYR A 37 31.97 -20.30 21.77
C TYR A 37 30.80 -20.63 22.69
N CYS A 38 30.86 -20.11 23.93
CA CYS A 38 29.82 -20.28 24.98
C CYS A 38 29.01 -19.00 25.08
N ASP A 39 27.69 -19.12 24.98
CA ASP A 39 26.71 -18.02 25.24
C ASP A 39 26.26 -18.17 26.70
N MET A 40 26.75 -17.29 27.57
CA MET A 40 26.50 -17.34 29.04
C MET A 40 25.36 -16.39 29.43
N ARG A 41 24.57 -15.89 28.48
CA ARG A 41 23.53 -14.86 28.75
C ARG A 41 22.13 -15.39 28.45
N THR A 42 21.91 -16.04 27.29
CA THR A 42 20.56 -16.43 26.80
C THR A 42 19.89 -17.38 27.80
N ASP A 43 18.72 -16.98 28.32
CA ASP A 43 17.85 -17.78 29.23
C ASP A 43 18.69 -18.39 30.36
N GLY A 44 19.57 -17.62 31.00
CA GLY A 44 20.40 -18.09 32.12
C GLY A 44 21.80 -18.51 31.69
N GLY A 45 22.02 -18.81 30.40
CA GLY A 45 23.35 -19.10 29.84
C GLY A 45 23.68 -20.59 29.83
N GLY A 46 24.90 -20.92 29.38
CA GLY A 46 25.41 -22.30 29.27
C GLY A 46 25.10 -22.94 27.92
N TRP A 47 24.98 -22.13 26.87
CA TRP A 47 24.73 -22.60 25.48
C TRP A 47 26.05 -22.79 24.74
N THR A 48 26.22 -23.95 24.11
CA THR A 48 27.36 -24.25 23.20
C THR A 48 26.92 -23.93 21.78
N VAL A 49 27.55 -22.92 21.17
CA VAL A 49 27.28 -22.49 19.77
C VAL A 49 27.89 -23.52 18.82
N PHE A 50 27.19 -23.88 17.75
CA PHE A 50 27.74 -24.74 16.67
C PHE A 50 27.58 -24.09 15.28
N GLN A 51 26.80 -23.01 15.16
CA GLN A 51 26.60 -22.28 13.88
C GLN A 51 26.43 -20.79 14.17
N ARG A 52 27.08 -19.94 13.39
CA ARG A 52 26.84 -18.47 13.42
C ARG A 52 27.01 -17.90 12.02
N ARG A 53 26.00 -17.13 11.58
CA ARG A 53 26.04 -16.21 10.42
C ARG A 53 25.87 -14.79 10.97
N GLU A 54 26.62 -13.82 10.45
CA GLU A 54 26.47 -12.41 10.90
C GLU A 54 26.92 -11.38 9.85
N ASP A 55 27.66 -11.74 8.80
CA ASP A 55 28.22 -10.71 7.88
C ASP A 55 28.59 -11.24 6.48
N GLY A 56 28.49 -12.54 6.21
CA GLY A 56 28.80 -13.11 4.89
C GLY A 56 30.29 -13.19 4.60
N SER A 57 31.14 -13.07 5.62
CA SER A 57 32.63 -13.11 5.48
C SER A 57 33.11 -14.55 5.22
N VAL A 58 32.32 -15.56 5.60
CA VAL A 58 32.74 -16.99 5.45
C VAL A 58 31.85 -17.67 4.40
N ASN A 59 32.48 -18.47 3.53
CA ASN A 59 31.79 -19.31 2.51
C ASN A 59 31.17 -20.52 3.23
N PHE A 60 29.85 -20.67 3.17
CA PHE A 60 29.12 -21.82 3.79
C PHE A 60 28.75 -22.85 2.73
N PHE A 61 29.02 -22.56 1.45
CA PHE A 61 28.71 -23.49 0.34
C PHE A 61 29.88 -24.46 0.18
N ARG A 62 30.06 -25.30 1.21
CA ARG A 62 31.21 -26.21 1.41
C ARG A 62 30.71 -27.65 1.25
N GLY A 63 31.65 -28.58 1.04
CA GLY A 63 31.34 -29.99 0.84
C GLY A 63 31.31 -30.76 2.15
N TRP A 64 31.10 -32.07 2.04
CA TRP A 64 30.93 -33.01 3.17
C TRP A 64 32.04 -32.87 4.20
N ASP A 65 33.32 -32.89 3.78
CA ASP A 65 34.48 -32.93 4.70
C ASP A 65 34.47 -31.69 5.59
N ALA A 66 34.20 -30.52 5.02
CA ALA A 66 34.12 -29.22 5.74
C ALA A 66 32.97 -29.26 6.76
N TYR A 67 31.81 -29.79 6.39
CA TYR A 67 30.63 -29.86 7.29
C TYR A 67 30.88 -30.90 8.40
N ARG A 68 31.68 -31.93 8.13
CA ARG A 68 32.07 -32.93 9.16
C ARG A 68 33.07 -32.29 10.13
N ASP A 69 34.09 -31.61 9.61
CA ASP A 69 35.29 -31.20 10.39
C ASP A 69 35.13 -29.79 10.95
N GLY A 70 34.25 -28.97 10.35
CA GLY A 70 33.98 -27.59 10.78
C GLY A 70 34.80 -26.60 10.00
N PHE A 71 34.41 -25.32 10.03
CA PHE A 71 35.10 -24.24 9.30
C PHE A 71 34.73 -22.90 9.93
N GLY A 72 35.45 -21.85 9.51
CA GLY A 72 35.29 -20.49 10.02
C GLY A 72 36.00 -20.33 11.36
N ARG A 73 35.63 -19.28 12.10
CA ARG A 73 36.29 -18.92 13.37
C ARG A 73 35.22 -18.76 14.47
N LEU A 74 35.58 -19.20 15.67
CA LEU A 74 34.69 -19.29 16.86
C LEU A 74 34.20 -17.89 17.24
N THR A 75 35.01 -16.87 17.00
CA THR A 75 34.72 -15.45 17.32
C THR A 75 33.90 -14.81 16.20
N GLY A 76 33.64 -15.53 15.11
CA GLY A 76 32.91 -14.99 13.95
C GLY A 76 31.93 -16.00 13.38
N GLU A 77 31.77 -15.96 12.06
CA GLU A 77 30.94 -16.94 11.32
C GLU A 77 31.65 -18.29 11.38
N HIS A 78 30.92 -19.35 11.72
CA HIS A 78 31.52 -20.69 11.75
C HIS A 78 30.45 -21.77 11.74
N TRP A 79 30.93 -22.97 11.47
CA TRP A 79 30.22 -24.25 11.63
C TRP A 79 31.15 -25.16 12.44
N LEU A 80 30.68 -25.65 13.59
CA LEU A 80 31.56 -26.35 14.56
C LEU A 80 32.01 -27.70 13.97
N GLY A 81 31.19 -28.29 13.10
CA GLY A 81 31.48 -29.60 12.48
C GLY A 81 30.59 -30.68 13.06
N LEU A 82 29.99 -31.49 12.19
CA LEU A 82 29.03 -32.54 12.60
C LEU A 82 29.69 -33.57 13.52
N LYS A 83 31.00 -33.84 13.40
CA LYS A 83 31.67 -34.82 14.30
C LYS A 83 31.64 -34.27 15.74
N ARG A 84 31.82 -32.97 15.91
CA ARG A 84 31.76 -32.30 17.25
C ARG A 84 30.31 -32.21 17.72
N ILE A 85 29.36 -31.88 16.83
CA ILE A 85 27.93 -31.72 17.21
C ILE A 85 27.40 -33.10 17.65
N HIS A 86 27.86 -34.17 17.00
CA HIS A 86 27.53 -35.57 17.38
C HIS A 86 28.08 -35.89 18.77
N ALA A 87 29.37 -35.60 19.01
CA ALA A 87 30.08 -35.84 20.29
C ALA A 87 29.34 -35.14 21.43
N LEU A 88 28.85 -33.91 21.22
CA LEU A 88 28.11 -33.13 22.24
C LEU A 88 26.71 -33.71 22.48
N THR A 89 25.90 -33.92 21.43
CA THR A 89 24.45 -34.20 21.58
C THR A 89 24.19 -35.67 21.97
N THR A 90 25.17 -36.58 21.84
CA THR A 90 25.02 -38.00 22.26
C THR A 90 25.37 -38.20 23.74
N GLN A 91 25.89 -37.19 24.45
CA GLN A 91 26.45 -37.40 25.81
C GLN A 91 25.40 -37.02 26.87
N ALA A 92 24.34 -36.33 26.47
CA ALA A 92 23.18 -35.98 27.32
C ALA A 92 22.00 -35.63 26.42
N ALA A 93 20.85 -35.30 27.02
CA ALA A 93 19.64 -34.80 26.33
C ALA A 93 19.78 -33.28 26.20
N TYR A 94 19.94 -32.78 24.97
CA TYR A 94 20.13 -31.34 24.67
C TYR A 94 18.83 -30.75 24.08
N GLU A 95 18.63 -29.48 24.40
CA GLU A 95 17.67 -28.56 23.72
C GLU A 95 18.47 -27.71 22.73
N LEU A 96 17.79 -27.20 21.71
CA LEU A 96 18.37 -26.32 20.67
C LEU A 96 17.72 -24.93 20.80
N HIS A 97 18.54 -23.90 20.76
CA HIS A 97 18.10 -22.48 20.63
C HIS A 97 18.63 -21.92 19.31
N VAL A 98 17.73 -21.35 18.51
CA VAL A 98 18.08 -20.62 17.25
C VAL A 98 17.71 -19.15 17.44
N ASP A 99 18.72 -18.26 17.42
CA ASP A 99 18.54 -16.79 17.39
C ASP A 99 18.67 -16.30 15.95
N LEU A 100 17.71 -15.48 15.51
CA LEU A 100 17.63 -14.91 14.14
C LEU A 100 17.51 -13.39 14.24
N GLU A 101 18.00 -12.69 13.22
CA GLU A 101 17.96 -11.22 13.11
C GLU A 101 17.83 -10.86 11.62
N ASP A 102 16.93 -9.94 11.28
CA ASP A 102 16.73 -9.43 9.90
C ASP A 102 17.53 -8.12 9.76
N PHE A 103 17.42 -7.44 8.62
CA PHE A 103 18.22 -6.21 8.32
C PHE A 103 17.46 -4.96 8.76
N GLU A 104 16.32 -5.10 9.44
CA GLU A 104 15.48 -3.98 9.94
C GLU A 104 15.40 -3.99 11.47
N ASN A 105 16.48 -4.39 12.16
CA ASN A 105 16.61 -4.34 13.65
C ASN A 105 15.85 -5.51 14.31
N GLY A 106 15.04 -6.25 13.56
CA GLY A 106 14.12 -7.26 14.11
C GLY A 106 14.87 -8.52 14.56
N THR A 107 14.41 -9.15 15.64
CA THR A 107 14.96 -10.43 16.15
C THR A 107 13.81 -11.39 16.48
N ALA A 108 14.12 -12.69 16.45
CA ALA A 108 13.19 -13.79 16.81
C ALA A 108 14.03 -15.01 17.17
N TYR A 109 13.41 -15.98 17.83
CA TYR A 109 14.10 -17.21 18.28
C TYR A 109 13.14 -18.39 18.15
N ALA A 110 13.73 -19.58 17.98
CA ALA A 110 13.03 -20.87 18.05
C ALA A 110 13.77 -21.71 19.10
N ARG A 111 13.02 -22.31 20.02
CA ARG A 111 13.53 -23.26 21.04
C ARG A 111 12.97 -24.63 20.70
N TYR A 112 13.82 -25.66 20.70
CA TYR A 112 13.44 -27.07 20.50
C TYR A 112 13.87 -27.87 21.74
N GLY A 113 12.90 -28.47 22.42
CA GLY A 113 13.08 -29.22 23.68
C GLY A 113 14.01 -30.40 23.53
N SER A 114 14.11 -30.98 22.33
CA SER A 114 15.05 -32.10 22.04
C SER A 114 15.75 -31.89 20.69
N PHE A 115 17.05 -32.12 20.67
CA PHE A 115 17.94 -31.94 19.49
C PHE A 115 19.11 -32.90 19.59
N GLY A 116 19.40 -33.59 18.50
CA GLY A 116 20.57 -34.48 18.38
C GLY A 116 20.92 -34.72 16.92
N VAL A 117 22.14 -35.18 16.70
CA VAL A 117 22.68 -35.52 15.36
C VAL A 117 23.33 -36.91 15.48
N GLY A 118 22.87 -37.87 14.67
CA GLY A 118 23.39 -39.25 14.62
C GLY A 118 23.29 -39.98 15.95
N LEU A 119 22.19 -39.77 16.70
CA LEU A 119 22.08 -40.15 18.13
C LEU A 119 22.31 -41.65 18.36
N PHE A 120 21.90 -42.52 17.42
CA PHE A 120 21.98 -43.99 17.58
C PHE A 120 22.77 -44.60 16.41
N SER A 121 23.42 -43.78 15.59
CA SER A 121 24.21 -44.20 14.42
C SER A 121 25.49 -44.90 14.91
N VAL A 122 25.77 -46.12 14.45
CA VAL A 122 27.04 -46.85 14.77
C VAL A 122 28.20 -46.05 14.17
N ASP A 123 28.06 -45.63 12.91
CA ASP A 123 29.00 -44.71 12.22
C ASP A 123 28.22 -43.47 11.82
N PRO A 124 28.14 -42.43 12.68
CA PRO A 124 27.35 -41.23 12.39
C PRO A 124 27.66 -40.61 11.02
N GLU A 125 28.92 -40.65 10.58
CA GLU A 125 29.32 -40.10 9.25
C GLU A 125 28.69 -40.92 8.12
N GLU A 126 28.90 -42.24 8.10
CA GLU A 126 28.26 -43.20 7.14
C GLU A 126 26.75 -42.93 7.10
N ASP A 127 26.12 -42.79 8.27
CA ASP A 127 24.64 -42.68 8.43
C ASP A 127 24.16 -41.26 8.10
N GLY A 128 25.08 -40.33 7.83
CA GLY A 128 24.74 -38.98 7.35
C GLY A 128 24.23 -38.07 8.46
N TYR A 129 24.70 -38.27 9.69
CA TYR A 129 24.44 -37.38 10.86
C TYR A 129 22.96 -37.00 10.91
N PRO A 130 22.03 -37.97 10.94
CA PRO A 130 20.60 -37.66 10.88
C PRO A 130 20.09 -36.82 12.06
N LEU A 131 19.15 -35.93 11.78
CA LEU A 131 18.58 -34.95 12.74
C LEU A 131 17.52 -35.62 13.61
N THR A 132 17.62 -35.42 14.92
CA THR A 132 16.54 -35.56 15.92
C THR A 132 16.16 -34.15 16.39
N VAL A 133 14.90 -33.75 16.25
CA VAL A 133 14.44 -32.43 16.77
C VAL A 133 12.93 -32.52 17.06
N ALA A 134 12.50 -31.97 18.19
CA ALA A 134 11.09 -31.98 18.65
C ALA A 134 10.84 -30.82 19.61
N ASP A 135 9.56 -30.50 19.83
CA ASP A 135 9.07 -29.67 20.95
C ASP A 135 9.44 -28.20 20.72
N TYR A 136 8.84 -27.57 19.71
CA TYR A 136 9.05 -26.15 19.32
C TYR A 136 8.35 -25.21 20.33
N SER A 137 9.00 -24.09 20.63
CA SER A 137 8.39 -22.87 21.22
C SER A 137 9.22 -21.66 20.79
N GLY A 138 8.61 -20.46 20.79
CA GLY A 138 9.32 -19.18 20.56
C GLY A 138 8.56 -18.24 19.66
N THR A 139 9.29 -17.32 19.02
CA THR A 139 8.74 -16.16 18.27
C THR A 139 9.00 -16.29 16.76
N ALA A 140 9.96 -17.11 16.33
CA ALA A 140 10.36 -17.23 14.91
C ALA A 140 9.42 -18.18 14.16
N GLY A 141 8.62 -18.96 14.90
CA GLY A 141 7.83 -20.05 14.33
C GLY A 141 8.70 -21.26 14.08
N ASP A 142 8.08 -22.41 13.81
CA ASP A 142 8.84 -23.67 13.60
C ASP A 142 9.20 -23.79 12.12
N SER A 143 10.50 -23.89 11.81
CA SER A 143 10.99 -24.18 10.43
C SER A 143 11.96 -25.37 10.44
N LEU A 144 11.91 -26.22 11.46
CA LEU A 144 12.88 -27.34 11.61
C LEU A 144 12.20 -28.70 11.83
N LEU A 145 10.98 -28.77 12.39
CA LEU A 145 10.37 -30.08 12.74
C LEU A 145 10.22 -30.97 11.49
N LYS A 146 9.95 -30.40 10.32
CA LYS A 146 9.76 -31.19 9.07
C LYS A 146 11.08 -31.81 8.61
N HIS A 147 12.22 -31.33 9.13
CA HIS A 147 13.57 -31.86 8.81
C HIS A 147 13.93 -33.03 9.73
N SER A 148 13.13 -33.29 10.77
CA SER A 148 13.34 -34.39 11.74
C SER A 148 13.44 -35.73 10.99
N GLY A 149 14.48 -36.51 11.28
CA GLY A 149 14.71 -37.84 10.69
C GLY A 149 15.52 -37.76 9.41
N MET A 150 15.80 -36.57 8.87
CA MET A 150 16.55 -36.44 7.60
C MET A 150 18.05 -36.50 7.88
N ARG A 151 18.80 -37.10 6.96
CA ARG A 151 20.28 -37.10 6.93
C ARG A 151 20.77 -35.73 6.47
N PHE A 152 22.01 -35.38 6.81
CA PHE A 152 22.66 -34.13 6.37
C PHE A 152 23.11 -34.30 4.91
N THR A 153 22.76 -33.35 4.04
CA THR A 153 23.10 -33.38 2.60
C THR A 153 23.97 -32.16 2.26
N THR A 154 25.07 -32.40 1.55
CA THR A 154 25.96 -31.36 0.98
C THR A 154 25.98 -31.49 -0.54
N LYS A 155 26.58 -30.51 -1.22
CA LYS A 155 26.65 -30.43 -2.70
C LYS A 155 27.35 -31.66 -3.28
N ASP A 156 28.18 -32.36 -2.51
CA ASP A 156 28.97 -33.53 -2.97
C ASP A 156 28.52 -34.82 -2.25
N ARG A 157 27.38 -34.80 -1.54
CA ARG A 157 26.87 -36.01 -0.83
C ARG A 157 25.36 -35.87 -0.59
N ASP A 158 24.59 -36.46 -1.50
CA ASP A 158 23.11 -36.35 -1.59
C ASP A 158 22.46 -37.50 -0.81
N SER A 159 21.79 -37.19 0.30
CA SER A 159 21.00 -38.15 1.10
C SER A 159 19.56 -37.64 1.29
N ASP A 160 19.09 -36.72 0.44
CA ASP A 160 17.78 -36.05 0.61
C ASP A 160 16.68 -36.88 -0.07
N HIS A 161 15.41 -36.45 0.02
CA HIS A 161 14.25 -37.09 -0.64
C HIS A 161 13.85 -36.33 -1.90
N SER A 162 14.81 -35.67 -2.56
CA SER A 162 14.60 -34.97 -3.86
C SER A 162 15.28 -35.78 -4.97
N GLU A 163 14.76 -35.69 -6.20
CA GLU A 163 15.38 -36.30 -7.41
C GLU A 163 16.63 -35.49 -7.77
N ASN A 164 16.71 -34.25 -7.30
CA ASN A 164 17.92 -33.38 -7.40
C ASN A 164 18.70 -33.41 -6.08
N ASN A 165 19.81 -32.68 -6.04
CA ASN A 165 20.61 -32.43 -4.82
C ASN A 165 20.15 -31.09 -4.24
N CYS A 166 19.38 -31.13 -3.16
CA CYS A 166 18.80 -29.94 -2.48
C CYS A 166 19.90 -28.93 -2.13
N ALA A 167 21.06 -29.42 -1.66
CA ALA A 167 22.20 -28.58 -1.22
C ALA A 167 22.75 -27.78 -2.41
N ALA A 168 22.90 -28.40 -3.57
CA ALA A 168 23.33 -27.75 -4.83
C ALA A 168 22.28 -26.73 -5.23
N PHE A 169 21.01 -27.15 -5.25
CA PHE A 169 19.88 -26.34 -5.75
C PHE A 169 19.70 -25.09 -4.86
N TYR A 170 19.76 -25.23 -3.53
CA TYR A 170 19.47 -24.12 -2.58
C TYR A 170 20.76 -23.60 -1.94
N ARG A 171 21.91 -23.93 -2.56
CA ARG A 171 23.26 -23.37 -2.28
C ARG A 171 23.51 -23.34 -0.76
N GLY A 172 23.33 -24.49 -0.11
CA GLY A 172 23.55 -24.64 1.33
C GLY A 172 24.02 -26.04 1.67
N ALA A 173 23.75 -26.44 2.90
CA ALA A 173 24.06 -27.75 3.49
C ALA A 173 23.14 -27.91 4.70
N TRP A 174 22.34 -28.98 4.72
CA TRP A 174 21.22 -29.07 5.70
C TRP A 174 20.66 -30.50 5.71
N TRP A 175 19.76 -30.74 6.67
CA TRP A 175 19.01 -32.01 6.79
C TRP A 175 17.82 -31.93 5.82
N TYR A 176 18.13 -31.79 4.53
CA TYR A 176 17.15 -31.52 3.46
C TYR A 176 16.19 -32.71 3.34
N ARG A 177 14.91 -32.41 3.13
CA ARG A 177 13.88 -33.40 2.72
C ARG A 177 13.62 -33.20 1.23
N ASN A 178 12.66 -32.36 0.86
CA ASN A 178 12.28 -32.10 -0.55
C ASN A 178 11.61 -30.73 -0.66
N CYS A 179 12.30 -29.65 -0.29
CA CYS A 179 13.70 -29.64 0.12
C CYS A 179 13.85 -29.07 1.53
N HIS A 180 13.28 -27.90 1.84
CA HIS A 180 13.47 -27.26 3.17
C HIS A 180 12.38 -26.26 3.56
N THR A 181 12.21 -26.07 4.87
CA THR A 181 11.56 -24.91 5.51
C THR A 181 12.61 -23.99 6.17
N SER A 182 13.85 -24.46 6.35
CA SER A 182 14.98 -23.65 6.87
C SER A 182 16.27 -23.95 6.10
N ASN A 183 17.14 -22.96 5.97
CA ASN A 183 18.35 -23.02 5.13
C ASN A 183 19.43 -22.11 5.73
N LEU A 184 19.76 -22.28 7.02
CA LEU A 184 20.59 -21.28 7.76
C LEU A 184 22.05 -21.36 7.30
N ASN A 185 22.44 -22.39 6.55
CA ASN A 185 23.80 -22.50 5.95
C ASN A 185 23.76 -22.06 4.48
N GLY A 186 22.69 -21.37 4.06
CA GLY A 186 22.49 -20.87 2.69
C GLY A 186 23.39 -19.68 2.39
N GLN A 187 23.32 -19.14 1.18
CA GLN A 187 24.18 -18.00 0.74
C GLN A 187 23.77 -16.76 1.53
N TYR A 188 24.73 -15.90 1.88
CA TYR A 188 24.50 -14.61 2.57
C TYR A 188 24.06 -13.55 1.55
N LEU A 189 22.78 -13.54 1.18
CA LEU A 189 22.26 -12.72 0.04
C LEU A 189 21.77 -11.36 0.52
N ARG A 190 21.67 -11.14 1.84
CA ARG A 190 21.41 -9.83 2.49
C ARG A 190 19.99 -9.36 2.19
N GLY A 191 19.00 -9.93 2.88
CA GLY A 191 17.59 -9.47 2.83
C GLY A 191 16.84 -10.05 1.64
N ALA A 192 15.89 -9.28 1.10
CA ALA A 192 14.96 -9.74 0.03
C ALA A 192 15.78 -10.08 -1.21
N HIS A 193 15.50 -11.22 -1.85
CA HIS A 193 16.20 -11.68 -3.08
C HIS A 193 15.22 -12.36 -4.03
N ALA A 194 15.50 -12.26 -5.34
CA ALA A 194 14.65 -12.79 -6.44
C ALA A 194 14.79 -14.32 -6.50
N SER A 195 16.02 -14.84 -6.34
CA SER A 195 16.33 -16.29 -6.34
C SER A 195 15.51 -16.97 -5.23
N TYR A 196 15.04 -18.20 -5.46
CA TYR A 196 14.08 -18.87 -4.56
C TYR A 196 14.83 -19.71 -3.51
N ALA A 197 14.69 -19.34 -2.24
CA ALA A 197 14.95 -20.18 -1.05
C ALA A 197 16.44 -20.58 -0.94
N ASP A 198 17.36 -19.81 -1.52
CA ASP A 198 18.80 -20.18 -1.59
C ASP A 198 19.65 -19.23 -0.72
N GLY A 199 19.00 -18.43 0.13
CA GLY A 199 19.67 -17.55 1.11
C GLY A 199 19.63 -18.16 2.51
N VAL A 200 19.93 -17.35 3.52
CA VAL A 200 19.83 -17.74 4.96
C VAL A 200 18.35 -17.65 5.37
N GLU A 201 17.60 -18.73 5.13
CA GLU A 201 16.11 -18.72 5.20
C GLU A 201 15.63 -19.36 6.50
N TRP A 202 14.66 -18.71 7.14
CA TRP A 202 13.77 -19.30 8.17
C TRP A 202 12.33 -18.99 7.78
N SER A 203 11.72 -19.88 6.99
CA SER A 203 10.49 -19.63 6.20
C SER A 203 9.33 -19.20 7.09
N SER A 204 9.21 -19.73 8.31
CA SER A 204 8.08 -19.45 9.24
C SER A 204 8.14 -18.01 9.75
N TRP A 205 9.31 -17.37 9.72
CA TRP A 205 9.47 -15.96 10.15
C TRP A 205 9.45 -15.03 8.93
N THR A 206 10.37 -15.21 7.98
CA THR A 206 10.66 -14.21 6.91
C THR A 206 10.43 -14.82 5.52
N GLY A 207 9.86 -16.02 5.41
CA GLY A 207 9.52 -16.65 4.13
C GLY A 207 10.72 -17.23 3.38
N TRP A 208 10.57 -17.43 2.07
CA TRP A 208 11.50 -18.22 1.23
C TRP A 208 12.37 -17.31 0.34
N GLN A 209 12.20 -15.99 0.44
CA GLN A 209 12.98 -15.03 -0.39
C GLN A 209 13.48 -13.89 0.49
N TYR A 210 14.00 -14.24 1.67
CA TYR A 210 14.61 -13.27 2.61
C TYR A 210 15.77 -13.93 3.34
N SER A 211 17.00 -13.50 3.02
CA SER A 211 18.26 -14.01 3.62
C SER A 211 18.56 -13.20 4.88
N LEU A 212 18.50 -13.84 6.04
CA LEU A 212 18.62 -13.16 7.36
C LEU A 212 20.02 -12.57 7.51
N LYS A 213 20.14 -11.58 8.41
CA LYS A 213 21.41 -10.89 8.73
C LYS A 213 22.23 -11.75 9.69
N PHE A 214 21.57 -12.39 10.65
CA PHE A 214 22.24 -13.12 11.76
C PHE A 214 21.46 -14.39 12.07
N SER A 215 22.22 -15.46 12.30
CA SER A 215 21.69 -16.73 12.87
C SER A 215 22.74 -17.26 13.84
N GLU A 216 22.27 -17.85 14.93
CA GLU A 216 23.13 -18.61 15.88
C GLU A 216 22.34 -19.85 16.31
N MET A 217 22.94 -21.01 16.15
CA MET A 217 22.37 -22.31 16.59
C MET A 217 23.23 -22.79 17.75
N LYS A 218 22.60 -23.15 18.86
CA LYS A 218 23.33 -23.48 20.10
C LYS A 218 22.53 -24.46 20.94
N ILE A 219 23.22 -25.21 21.79
CA ILE A 219 22.63 -26.34 22.54
C ILE A 219 22.96 -26.21 24.03
N ARG A 220 22.10 -26.76 24.87
CA ARG A 220 22.26 -26.81 26.33
C ARG A 220 21.59 -28.08 26.83
N PRO A 221 22.20 -28.81 27.79
CA PRO A 221 21.55 -30.00 28.35
C PRO A 221 20.24 -29.59 29.05
N VAL A 222 19.19 -30.39 28.89
CA VAL A 222 18.01 -30.40 29.79
C VAL A 222 18.11 -31.64 30.69
N SER B 4 -10.34 34.67 7.81
CA SER B 4 -9.06 35.13 7.20
C SER B 4 -8.91 34.56 5.78
N ARG B 5 -8.92 33.23 5.64
CA ARG B 5 -8.80 32.51 4.34
C ARG B 5 -9.93 31.50 4.20
N PRO B 6 -11.19 31.96 4.06
CA PRO B 6 -12.32 31.07 3.78
C PRO B 6 -12.09 30.30 2.46
N ARG B 7 -12.40 29.01 2.47
CA ARG B 7 -12.17 28.09 1.31
C ARG B 7 -13.34 28.22 0.32
N ASP B 8 -14.47 28.76 0.78
CA ASP B 8 -15.73 28.86 -0.01
C ASP B 8 -16.73 29.75 0.75
N CYS B 9 -17.92 29.95 0.17
CA CYS B 9 -18.96 30.86 0.69
C CYS B 9 -19.52 30.36 2.03
N LEU B 10 -19.43 29.07 2.34
CA LEU B 10 -19.94 28.54 3.64
C LEU B 10 -18.99 29.03 4.74
N ASP B 11 -17.67 28.96 4.53
CA ASP B 11 -16.66 29.55 5.45
C ASP B 11 -16.97 31.03 5.62
N VAL B 12 -17.27 31.75 4.54
CA VAL B 12 -17.60 33.20 4.59
C VAL B 12 -18.82 33.39 5.50
N LEU B 13 -19.90 32.64 5.26
CA LEU B 13 -21.15 32.77 6.05
C LEU B 13 -20.85 32.48 7.53
N LEU B 14 -20.15 31.39 7.82
CA LEU B 14 -19.89 30.92 9.21
C LEU B 14 -18.95 31.91 9.94
N SER B 15 -18.12 32.66 9.21
CA SER B 15 -17.26 33.74 9.78
C SER B 15 -18.10 34.95 10.20
N GLY B 16 -19.36 35.05 9.76
CA GLY B 16 -20.30 36.10 10.20
C GLY B 16 -20.75 37.04 9.10
N GLN B 17 -20.40 36.77 7.84
CA GLN B 17 -20.83 37.58 6.66
C GLN B 17 -22.16 37.04 6.16
N GLN B 18 -23.26 37.77 6.40
CA GLN B 18 -24.65 37.27 6.17
C GLN B 18 -25.26 37.83 4.88
N ASP B 19 -24.63 38.82 4.24
CA ASP B 19 -25.17 39.50 3.04
C ASP B 19 -24.74 38.75 1.77
N ASP B 20 -25.69 38.51 0.86
CA ASP B 20 -25.40 38.11 -0.54
C ASP B 20 -24.42 39.10 -1.13
N GLY B 21 -23.50 38.63 -1.98
CA GLY B 21 -22.57 39.52 -2.69
C GLY B 21 -21.26 38.84 -2.99
N VAL B 22 -20.26 39.66 -3.35
CA VAL B 22 -18.95 39.20 -3.87
C VAL B 22 -17.97 39.12 -2.70
N TYR B 23 -17.31 37.97 -2.53
CA TYR B 23 -16.31 37.74 -1.47
C TYR B 23 -15.11 36.98 -2.06
N SER B 24 -13.96 37.13 -1.41
CA SER B 24 -12.70 36.39 -1.69
C SER B 24 -12.77 35.01 -1.06
N VAL B 25 -12.42 33.97 -1.81
CA VAL B 25 -12.30 32.58 -1.30
C VAL B 25 -10.95 32.03 -1.75
N PHE B 26 -10.46 31.01 -1.04
CA PHE B 26 -9.06 30.52 -1.13
C PHE B 26 -9.09 29.00 -1.09
N PRO B 27 -9.39 28.32 -2.22
CA PRO B 27 -9.41 26.87 -2.26
C PRO B 27 -8.04 26.25 -1.91
N THR B 28 -8.07 25.03 -1.38
CA THR B 28 -6.88 24.27 -0.91
C THR B 28 -5.74 24.33 -1.96
N HIS B 29 -6.03 24.06 -3.23
CA HIS B 29 -4.99 23.95 -4.30
C HIS B 29 -5.05 25.16 -5.25
N TYR B 30 -5.68 26.26 -4.82
CA TYR B 30 -5.70 27.56 -5.54
C TYR B 30 -5.43 28.66 -4.52
N PRO B 31 -4.23 28.66 -3.88
CA PRO B 31 -3.99 29.52 -2.70
C PRO B 31 -3.98 31.03 -3.01
N ALA B 32 -3.76 31.45 -4.25
CA ALA B 32 -3.94 32.85 -4.68
C ALA B 32 -5.39 33.29 -4.43
N GLY B 33 -6.33 32.35 -4.55
CA GLY B 33 -7.76 32.60 -4.33
C GLY B 33 -8.35 33.40 -5.48
N PHE B 34 -9.64 33.69 -5.38
CA PHE B 34 -10.38 34.48 -6.40
C PHE B 34 -11.69 34.92 -5.76
N GLN B 35 -12.39 35.81 -6.43
CA GLN B 35 -13.68 36.36 -5.94
C GLN B 35 -14.81 35.54 -6.57
N VAL B 36 -15.87 35.37 -5.80
CA VAL B 36 -17.10 34.62 -6.18
C VAL B 36 -18.30 35.41 -5.67
N TYR B 37 -19.46 35.12 -6.23
CA TYR B 37 -20.76 35.58 -5.68
C TYR B 37 -21.26 34.50 -4.72
N CYS B 38 -21.55 34.91 -3.48
CA CYS B 38 -22.09 34.04 -2.40
C CYS B 38 -23.60 34.29 -2.25
N ASP B 39 -24.38 33.21 -2.27
CA ASP B 39 -25.82 33.20 -1.93
C ASP B 39 -25.93 32.84 -0.45
N MET B 40 -26.26 33.82 0.39
CA MET B 40 -26.33 33.65 1.87
C MET B 40 -27.78 33.43 2.33
N ARG B 41 -28.72 33.19 1.42
CA ARG B 41 -30.17 33.04 1.74
C ARG B 41 -30.62 31.59 1.53
N THR B 42 -30.37 31.00 0.36
CA THR B 42 -30.94 29.71 -0.07
C THR B 42 -30.67 28.61 0.95
N ASP B 43 -31.74 28.00 1.48
CA ASP B 43 -31.70 26.86 2.44
C ASP B 43 -30.62 27.11 3.52
N GLY B 44 -30.62 28.29 4.14
CA GLY B 44 -29.70 28.62 5.24
C GLY B 44 -28.44 29.36 4.77
N GLY B 45 -28.11 29.29 3.47
CA GLY B 45 -27.04 30.09 2.83
C GLY B 45 -25.71 29.37 2.78
N GLY B 46 -24.68 30.05 2.25
CA GLY B 46 -23.30 29.55 2.13
C GLY B 46 -23.04 28.87 0.79
N TRP B 47 -23.78 29.26 -0.25
CA TRP B 47 -23.63 28.69 -1.62
C TRP B 47 -22.66 29.55 -2.42
N THR B 48 -21.71 28.90 -3.08
CA THR B 48 -20.77 29.52 -4.05
C THR B 48 -21.38 29.39 -5.44
N VAL B 49 -21.76 30.50 -6.06
CA VAL B 49 -22.33 30.53 -7.44
C VAL B 49 -21.18 30.27 -8.42
N PHE B 50 -21.40 29.46 -9.46
CA PHE B 50 -20.45 29.32 -10.59
C PHE B 50 -21.12 29.59 -11.94
N GLN B 51 -22.44 29.75 -11.98
CA GLN B 51 -23.16 30.05 -13.26
C GLN B 51 -24.39 30.91 -12.94
N ARG B 52 -24.64 31.94 -13.74
CA ARG B 52 -25.89 32.74 -13.69
C ARG B 52 -26.28 33.19 -15.10
N ARG B 53 -27.55 32.97 -15.45
CA ARG B 53 -28.29 33.57 -16.58
C ARG B 53 -29.44 34.39 -15.99
N GLU B 54 -29.70 35.58 -16.51
CA GLU B 54 -30.81 36.44 -16.01
C GLU B 54 -31.34 37.41 -17.06
N ASP B 55 -30.65 37.65 -18.18
CA ASP B 55 -31.08 38.74 -19.10
C ASP B 55 -30.51 38.61 -20.53
N GLY B 56 -29.67 37.62 -20.82
CA GLY B 56 -29.08 37.44 -22.17
C GLY B 56 -28.07 38.52 -22.53
N SER B 57 -27.50 39.22 -21.55
CA SER B 57 -26.53 40.32 -21.78
C SER B 57 -25.16 39.75 -22.14
N VAL B 58 -24.85 38.52 -21.74
CA VAL B 58 -23.50 37.90 -21.91
C VAL B 58 -23.59 36.75 -22.91
N ASN B 59 -22.60 36.67 -23.80
CA ASN B 59 -22.45 35.60 -24.82
C ASN B 59 -21.93 34.33 -24.13
N PHE B 60 -22.73 33.26 -24.13
CA PHE B 60 -22.38 31.96 -23.51
C PHE B 60 -21.92 30.95 -24.57
N PHE B 61 -22.00 31.33 -25.85
CA PHE B 61 -21.54 30.45 -26.96
C PHE B 61 -20.03 30.68 -27.15
N ARG B 62 -19.28 30.28 -26.13
CA ARG B 62 -17.82 30.52 -26.00
C ARG B 62 -17.08 29.19 -26.18
N GLY B 63 -15.78 29.28 -26.47
CA GLY B 63 -14.91 28.12 -26.70
C GLY B 63 -14.32 27.58 -25.41
N TRP B 64 -13.47 26.57 -25.57
CA TRP B 64 -12.83 25.80 -24.47
C TRP B 64 -12.12 26.73 -23.48
N ASP B 65 -11.27 27.63 -23.97
CA ASP B 65 -10.42 28.50 -23.11
C ASP B 65 -11.32 29.34 -22.21
N ALA B 66 -12.40 29.89 -22.75
CA ALA B 66 -13.36 30.77 -22.03
C ALA B 66 -14.09 29.95 -20.96
N TYR B 67 -14.47 28.70 -21.24
CA TYR B 67 -15.16 27.82 -20.28
C TYR B 67 -14.17 27.32 -19.21
N ARG B 68 -12.88 27.26 -19.53
CA ARG B 68 -11.81 26.94 -18.54
C ARG B 68 -11.56 28.17 -17.64
N ASP B 69 -11.41 29.36 -18.23
CA ASP B 69 -10.89 30.55 -17.50
C ASP B 69 -12.05 31.39 -16.94
N GLY B 70 -13.27 31.19 -17.44
CA GLY B 70 -14.47 31.91 -16.97
C GLY B 70 -14.68 33.18 -17.75
N PHE B 71 -15.90 33.74 -17.69
CA PHE B 71 -16.28 34.95 -18.44
C PHE B 71 -17.48 35.61 -17.75
N GLY B 72 -17.83 36.82 -18.20
CA GLY B 72 -18.91 37.62 -17.62
C GLY B 72 -18.50 38.25 -16.31
N ARG B 73 -19.47 38.66 -15.50
CA ARG B 73 -19.24 39.47 -14.27
C ARG B 73 -20.00 38.85 -13.10
N LEU B 74 -19.38 38.85 -11.93
CA LEU B 74 -19.87 38.14 -10.71
C LEU B 74 -21.21 38.73 -10.26
N THR B 75 -21.46 40.00 -10.58
CA THR B 75 -22.69 40.74 -10.19
C THR B 75 -23.81 40.53 -11.21
N GLY B 76 -23.54 39.82 -12.31
CA GLY B 76 -24.52 39.61 -13.39
C GLY B 76 -24.41 38.21 -13.95
N GLU B 77 -24.58 38.07 -15.26
CA GLU B 77 -24.44 36.78 -15.96
C GLU B 77 -22.96 36.40 -15.98
N HIS B 78 -22.64 35.15 -15.64
CA HIS B 78 -21.22 34.70 -15.67
C HIS B 78 -21.12 33.18 -15.63
N TRP B 79 -19.91 32.74 -15.95
CA TRP B 79 -19.39 31.36 -15.79
C TRP B 79 -18.06 31.49 -15.05
N LEU B 80 -17.93 30.88 -13.88
CA LEU B 80 -16.77 31.12 -12.97
C LEU B 80 -15.50 30.51 -13.57
N GLY B 81 -15.65 29.49 -14.41
CA GLY B 81 -14.53 28.79 -15.06
C GLY B 81 -14.32 27.42 -14.45
N LEU B 82 -14.17 26.40 -15.29
CA LEU B 82 -13.99 25.00 -14.85
C LEU B 82 -12.72 24.87 -14.00
N LYS B 83 -11.68 25.66 -14.23
CA LYS B 83 -10.44 25.57 -13.39
C LYS B 83 -10.81 25.92 -11.93
N ARG B 84 -11.69 26.89 -11.72
CA ARG B 84 -12.12 27.35 -10.37
C ARG B 84 -13.12 26.36 -9.80
N ILE B 85 -14.05 25.87 -10.62
CA ILE B 85 -15.07 24.87 -10.19
C ILE B 85 -14.34 23.57 -9.79
N HIS B 86 -13.27 23.20 -10.50
CA HIS B 86 -12.39 22.05 -10.14
C HIS B 86 -11.73 22.30 -8.77
N ALA B 87 -11.12 23.47 -8.58
CA ALA B 87 -10.41 23.85 -7.34
C ALA B 87 -11.38 23.80 -6.14
N LEU B 88 -12.60 24.26 -6.33
CA LEU B 88 -13.64 24.24 -5.26
C LEU B 88 -14.06 22.80 -4.97
N THR B 89 -14.50 22.04 -5.97
CA THR B 89 -15.24 20.76 -5.76
C THR B 89 -14.30 19.62 -5.35
N THR B 90 -12.98 19.73 -5.55
CA THR B 90 -11.99 18.68 -5.15
C THR B 90 -11.51 18.86 -3.70
N GLN B 91 -11.78 19.99 -3.05
CA GLN B 91 -11.22 20.30 -1.70
C GLN B 91 -12.14 19.74 -0.61
N ALA B 92 -13.40 19.41 -0.94
CA ALA B 92 -14.37 18.76 -0.02
C ALA B 92 -15.49 18.12 -0.86
N ALA B 93 -16.45 17.46 -0.22
CA ALA B 93 -17.63 16.87 -0.89
C ALA B 93 -18.72 17.95 -0.94
N TYR B 94 -19.09 18.41 -2.15
CA TYR B 94 -20.09 19.48 -2.37
C TYR B 94 -21.40 18.90 -2.90
N GLU B 95 -22.49 19.58 -2.54
CA GLU B 95 -23.83 19.44 -3.17
C GLU B 95 -23.99 20.58 -4.17
N LEU B 96 -24.81 20.34 -5.20
CA LEU B 96 -25.16 21.34 -6.23
C LEU B 96 -26.61 21.74 -6.03
N HIS B 97 -26.88 23.04 -6.06
CA HIS B 97 -28.25 23.62 -6.15
C HIS B 97 -28.36 24.35 -7.49
N VAL B 98 -29.45 24.10 -8.22
CA VAL B 98 -29.82 24.80 -9.48
C VAL B 98 -31.15 25.52 -9.25
N ASP B 99 -31.13 26.85 -9.23
CA ASP B 99 -32.33 27.72 -9.16
C ASP B 99 -32.74 28.09 -10.59
N LEU B 100 -34.03 27.96 -10.90
CA LEU B 100 -34.60 28.20 -12.26
C LEU B 100 -35.84 29.09 -12.13
N GLU B 101 -36.06 29.96 -13.10
CA GLU B 101 -37.28 30.81 -13.20
C GLU B 101 -37.67 30.92 -14.67
N ASP B 102 -38.97 30.85 -14.96
CA ASP B 102 -39.54 31.05 -16.31
C ASP B 102 -39.94 32.53 -16.45
N PHE B 103 -40.58 32.90 -17.57
CA PHE B 103 -41.02 34.30 -17.83
C PHE B 103 -42.42 34.55 -17.26
N GLU B 104 -43.03 33.56 -16.59
CA GLU B 104 -44.42 33.63 -16.06
C GLU B 104 -44.40 33.56 -14.52
N ASN B 105 -43.35 34.07 -13.88
CA ASN B 105 -43.21 34.15 -12.39
C ASN B 105 -43.23 32.75 -11.75
N GLY B 106 -42.94 31.69 -12.51
CA GLY B 106 -42.72 30.33 -11.98
C GLY B 106 -41.27 30.15 -11.56
N THR B 107 -41.03 29.44 -10.46
CA THR B 107 -39.67 29.06 -9.97
C THR B 107 -39.66 27.57 -9.62
N ALA B 108 -38.49 26.94 -9.76
CA ALA B 108 -38.22 25.54 -9.39
C ALA B 108 -36.74 25.41 -9.09
N TYR B 109 -36.34 24.31 -8.49
CA TYR B 109 -34.91 24.01 -8.19
C TYR B 109 -34.67 22.51 -8.30
N ALA B 110 -33.41 22.16 -8.54
CA ALA B 110 -32.89 20.78 -8.46
C ALA B 110 -31.68 20.81 -7.52
N ARG B 111 -31.64 19.86 -6.59
CA ARG B 111 -30.54 19.68 -5.62
C ARG B 111 -29.89 18.34 -5.91
N TYR B 112 -28.56 18.30 -5.97
CA TYR B 112 -27.77 17.06 -6.13
C TYR B 112 -26.84 16.94 -4.94
N GLY B 113 -27.01 15.86 -4.15
CA GLY B 113 -26.27 15.61 -2.90
C GLY B 113 -24.77 15.44 -3.14
N SER B 114 -24.38 15.10 -4.37
CA SER B 114 -22.96 14.96 -4.77
C SER B 114 -22.73 15.68 -6.09
N PHE B 115 -21.66 16.46 -6.19
CA PHE B 115 -21.29 17.22 -7.42
C PHE B 115 -19.79 17.50 -7.43
N GLY B 116 -19.16 17.29 -8.58
CA GLY B 116 -17.73 17.62 -8.80
C GLY B 116 -17.39 17.64 -10.26
N VAL B 117 -16.28 18.30 -10.61
CA VAL B 117 -15.73 18.28 -12.00
C VAL B 117 -14.25 17.89 -11.92
N GLY B 118 -13.87 16.90 -12.74
CA GLY B 118 -12.52 16.31 -12.81
C GLY B 118 -12.01 15.82 -11.46
N LEU B 119 -12.85 15.17 -10.65
CA LEU B 119 -12.58 14.94 -9.20
C LEU B 119 -11.24 14.20 -8.95
N PHE B 120 -10.92 13.16 -9.71
CA PHE B 120 -9.69 12.35 -9.50
C PHE B 120 -8.77 12.43 -10.73
N SER B 121 -9.02 13.36 -11.64
CA SER B 121 -8.21 13.60 -12.85
C SER B 121 -6.84 14.14 -12.44
N VAL B 122 -5.76 13.55 -12.94
CA VAL B 122 -4.38 14.07 -12.72
C VAL B 122 -4.24 15.37 -13.52
N ASP B 123 -4.74 15.40 -14.76
CA ASP B 123 -4.83 16.62 -15.60
C ASP B 123 -6.31 16.87 -15.90
N PRO B 124 -7.03 17.61 -15.02
CA PRO B 124 -8.48 17.82 -15.19
C PRO B 124 -8.85 18.44 -16.53
N GLU B 125 -8.04 19.38 -17.03
CA GLU B 125 -8.28 20.04 -18.35
C GLU B 125 -8.19 18.99 -19.47
N GLU B 126 -7.10 18.24 -19.56
CA GLU B 126 -6.94 17.22 -20.63
C GLU B 126 -8.05 16.18 -20.50
N ASP B 127 -8.43 15.82 -19.27
CA ASP B 127 -9.48 14.81 -18.97
C ASP B 127 -10.87 15.37 -19.30
N GLY B 128 -10.98 16.66 -19.60
CA GLY B 128 -12.23 17.32 -20.04
C GLY B 128 -13.17 17.64 -18.89
N TYR B 129 -12.64 17.87 -17.68
CA TYR B 129 -13.42 18.24 -16.47
C TYR B 129 -14.68 17.38 -16.36
N PRO B 130 -14.56 16.04 -16.34
CA PRO B 130 -15.72 15.16 -16.31
C PRO B 130 -16.63 15.42 -15.11
N LEU B 131 -17.94 15.29 -15.32
CA LEU B 131 -18.98 15.59 -14.30
C LEU B 131 -19.17 14.38 -13.39
N THR B 132 -19.13 14.62 -12.08
CA THR B 132 -19.69 13.75 -11.01
C THR B 132 -20.97 14.40 -10.51
N VAL B 133 -22.09 13.70 -10.59
CA VAL B 133 -23.39 14.21 -10.04
C VAL B 133 -24.24 13.01 -9.66
N ALA B 134 -24.87 13.08 -8.49
CA ALA B 134 -25.70 12.00 -7.91
C ALA B 134 -26.69 12.60 -6.89
N ASP B 135 -27.73 11.83 -6.57
CA ASP B 135 -28.59 12.01 -5.36
C ASP B 135 -29.47 13.24 -5.58
N TYR B 136 -30.40 13.14 -6.52
CA TYR B 136 -31.30 14.24 -6.93
C TYR B 136 -32.51 14.34 -6.00
N SER B 137 -32.90 15.56 -5.67
CA SER B 137 -34.24 15.92 -5.14
C SER B 137 -34.56 17.35 -5.59
N GLY B 138 -35.84 17.70 -5.72
CA GLY B 138 -36.27 19.08 -6.01
C GLY B 138 -37.62 19.14 -6.69
N THR B 139 -37.97 20.33 -7.18
CA THR B 139 -39.28 20.63 -7.81
C THR B 139 -39.14 20.83 -9.33
N ALA B 140 -37.92 20.87 -9.86
CA ALA B 140 -37.64 21.14 -11.29
C ALA B 140 -37.61 19.82 -12.08
N GLY B 141 -37.60 18.68 -11.39
CA GLY B 141 -37.30 17.37 -12.00
C GLY B 141 -35.80 17.25 -12.24
N ASP B 142 -35.33 16.03 -12.49
CA ASP B 142 -33.89 15.74 -12.73
C ASP B 142 -33.62 15.85 -14.23
N SER B 143 -32.77 16.80 -14.63
CA SER B 143 -32.29 16.96 -16.02
C SER B 143 -30.76 16.87 -16.09
N LEU B 144 -30.09 16.35 -15.05
CA LEU B 144 -28.60 16.33 -15.02
C LEU B 144 -28.02 14.92 -14.80
N LEU B 145 -28.71 13.99 -14.15
CA LEU B 145 -28.12 12.65 -13.81
C LEU B 145 -27.61 11.93 -15.06
N LYS B 146 -28.31 12.03 -16.20
CA LYS B 146 -27.91 11.38 -17.48
C LYS B 146 -26.57 11.93 -17.98
N HIS B 147 -26.14 13.10 -17.50
CA HIS B 147 -24.86 13.77 -17.89
C HIS B 147 -23.70 13.27 -17.03
N SER B 148 -23.97 12.50 -15.98
CA SER B 148 -22.94 12.00 -15.03
C SER B 148 -21.89 11.20 -15.81
N GLY B 149 -20.60 11.49 -15.58
CA GLY B 149 -19.47 10.82 -16.21
C GLY B 149 -19.08 11.44 -17.55
N MET B 150 -19.86 12.39 -18.07
CA MET B 150 -19.56 13.02 -19.38
C MET B 150 -18.49 14.10 -19.20
N ARG B 151 -17.60 14.22 -20.18
CA ARG B 151 -16.61 15.31 -20.28
C ARG B 151 -17.34 16.57 -20.73
N PHE B 152 -16.73 17.72 -20.47
CA PHE B 152 -17.27 19.03 -20.91
C PHE B 152 -16.95 19.21 -22.39
N THR B 153 -17.96 19.56 -23.18
CA THR B 153 -17.82 19.78 -24.65
C THR B 153 -18.17 21.23 -24.98
N THR B 154 -17.33 21.85 -25.80
CA THR B 154 -17.51 23.21 -26.37
C THR B 154 -17.50 23.11 -27.88
N LYS B 155 -17.93 24.20 -28.55
CA LYS B 155 -17.97 24.30 -30.04
C LYS B 155 -16.60 23.96 -30.65
N ASP B 156 -15.49 24.10 -29.91
CA ASP B 156 -14.12 23.87 -30.46
C ASP B 156 -13.41 22.71 -29.76
N ARG B 157 -14.08 21.92 -28.91
CA ARG B 157 -13.48 20.73 -28.28
C ARG B 157 -14.57 19.69 -27.99
N ASP B 158 -14.66 18.68 -28.87
CA ASP B 158 -15.76 17.69 -28.89
C ASP B 158 -15.34 16.45 -28.09
N SER B 159 -16.00 16.20 -26.96
CA SER B 159 -15.76 15.01 -26.09
C SER B 159 -17.07 14.29 -25.79
N ASP B 160 -18.11 14.46 -26.61
CA ASP B 160 -19.48 13.93 -26.36
C ASP B 160 -19.62 12.55 -27.01
N HIS B 161 -20.83 11.97 -26.95
CA HIS B 161 -21.16 10.63 -27.52
C HIS B 161 -22.03 10.80 -28.77
N SER B 162 -22.01 11.97 -29.40
CA SER B 162 -22.70 12.26 -30.69
C SER B 162 -21.69 12.18 -31.83
N GLU B 163 -22.13 11.85 -33.04
CA GLU B 163 -21.29 11.90 -34.26
C GLU B 163 -21.13 13.36 -34.70
N ASN B 164 -21.99 14.25 -34.19
CA ASN B 164 -21.87 15.74 -34.32
C ASN B 164 -21.18 16.32 -33.08
N ASN B 165 -21.00 17.64 -33.07
CA ASN B 165 -20.61 18.44 -31.87
C ASN B 165 -21.88 18.95 -31.20
N CYS B 166 -22.26 18.40 -30.05
CA CYS B 166 -23.49 18.76 -29.31
C CYS B 166 -23.48 20.26 -28.94
N ALA B 167 -22.32 20.83 -28.61
CA ALA B 167 -22.18 22.27 -28.25
C ALA B 167 -22.56 23.14 -29.44
N ALA B 168 -21.99 22.83 -30.62
CA ALA B 168 -22.29 23.53 -31.89
C ALA B 168 -23.78 23.40 -32.21
N PHE B 169 -24.32 22.18 -32.11
CA PHE B 169 -25.69 21.85 -32.55
C PHE B 169 -26.71 22.54 -31.62
N TYR B 170 -26.48 22.53 -30.30
CA TYR B 170 -27.44 23.09 -29.30
C TYR B 170 -26.95 24.46 -28.76
N ARG B 171 -25.96 25.05 -29.44
CA ARG B 171 -25.51 26.45 -29.26
C ARG B 171 -25.26 26.72 -27.77
N GLY B 172 -24.48 25.85 -27.13
CA GLY B 172 -24.14 25.94 -25.71
C GLY B 172 -22.78 25.34 -25.40
N ALA B 173 -22.61 24.91 -24.16
CA ALA B 173 -21.40 24.24 -23.66
C ALA B 173 -21.83 23.50 -22.40
N TRP B 174 -21.51 22.22 -22.31
CA TRP B 174 -22.14 21.32 -21.31
C TRP B 174 -21.39 20.00 -21.30
N TRP B 175 -21.68 19.18 -20.29
CA TRP B 175 -21.23 17.77 -20.20
C TRP B 175 -22.16 16.93 -21.09
N TYR B 176 -22.19 17.22 -22.39
CA TYR B 176 -23.14 16.63 -23.36
C TYR B 176 -22.88 15.13 -23.45
N ARG B 177 -23.95 14.34 -23.61
CA ARG B 177 -23.85 12.90 -23.95
C ARG B 177 -24.23 12.74 -25.42
N ASN B 178 -25.52 12.60 -25.73
CA ASN B 178 -26.01 12.44 -27.12
C ASN B 178 -27.49 12.83 -27.22
N CYS B 179 -27.84 14.10 -26.93
CA CYS B 179 -26.91 15.16 -26.55
C CYS B 179 -27.19 15.65 -25.12
N HIS B 180 -28.42 16.01 -24.77
CA HIS B 180 -28.71 16.64 -23.45
C HIS B 180 -30.17 16.47 -23.00
N THR B 181 -30.36 16.57 -21.68
CA THR B 181 -31.65 16.83 -21.00
C THR B 181 -31.61 18.24 -20.39
N SER B 182 -30.43 18.84 -20.24
CA SER B 182 -30.23 20.21 -19.70
C SER B 182 -29.21 20.97 -20.55
N ASN B 183 -29.41 22.29 -20.69
CA ASN B 183 -28.59 23.15 -21.59
C ASN B 183 -28.55 24.57 -21.03
N LEU B 184 -28.12 24.76 -19.78
CA LEU B 184 -28.26 26.08 -19.08
C LEU B 184 -27.27 27.11 -19.61
N ASN B 185 -26.26 26.69 -20.38
CA ASN B 185 -25.31 27.59 -21.08
C ASN B 185 -25.77 27.83 -22.52
N GLY B 186 -27.03 27.49 -22.84
CA GLY B 186 -27.60 27.64 -24.20
C GLY B 186 -27.89 29.09 -24.53
N GLN B 187 -28.43 29.35 -25.72
CA GLN B 187 -28.79 30.71 -26.19
C GLN B 187 -29.96 31.24 -25.36
N TYR B 188 -29.92 32.54 -25.02
CA TYR B 188 -30.98 33.21 -24.24
C TYR B 188 -32.13 33.56 -25.21
N LEU B 189 -32.98 32.58 -25.53
CA LEU B 189 -34.02 32.73 -26.58
C LEU B 189 -35.33 33.30 -26.03
N ARG B 190 -35.43 33.54 -24.71
CA ARG B 190 -36.54 34.28 -24.04
C ARG B 190 -37.87 33.53 -24.20
N GLY B 191 -38.08 32.44 -23.46
CA GLY B 191 -39.36 31.71 -23.37
C GLY B 191 -39.56 30.73 -24.52
N ALA B 192 -40.81 30.53 -24.94
CA ALA B 192 -41.17 29.58 -26.04
C ALA B 192 -40.38 29.95 -27.29
N HIS B 193 -39.77 28.96 -27.94
CA HIS B 193 -39.07 29.12 -29.24
C HIS B 193 -39.37 27.89 -30.11
N ALA B 194 -39.36 28.08 -31.43
CA ALA B 194 -39.69 27.04 -32.44
C ALA B 194 -38.51 26.07 -32.59
N SER B 195 -37.27 26.56 -32.53
CA SER B 195 -36.04 25.72 -32.58
C SER B 195 -36.07 24.68 -31.45
N TYR B 196 -35.45 23.53 -31.66
CA TYR B 196 -35.45 22.39 -30.70
C TYR B 196 -34.23 22.49 -29.77
N ALA B 197 -34.48 22.80 -28.49
CA ALA B 197 -33.60 22.48 -27.34
C ALA B 197 -32.27 23.25 -27.38
N ASP B 198 -32.21 24.42 -28.02
CA ASP B 198 -30.94 25.20 -28.21
C ASP B 198 -30.98 26.49 -27.41
N GLY B 199 -31.93 26.59 -26.47
CA GLY B 199 -32.02 27.72 -25.52
C GLY B 199 -31.52 27.32 -24.15
N VAL B 200 -31.86 28.10 -23.12
CA VAL B 200 -31.54 27.82 -21.70
C VAL B 200 -32.57 26.80 -21.20
N GLU B 201 -32.33 25.52 -21.43
CA GLU B 201 -33.35 24.45 -21.27
C GLU B 201 -33.10 23.67 -19.97
N TRP B 202 -34.19 23.34 -19.27
CA TRP B 202 -34.23 22.28 -18.24
C TRP B 202 -35.43 21.38 -18.58
N SER B 203 -35.18 20.34 -19.38
CA SER B 203 -36.23 19.60 -20.12
C SER B 203 -37.31 19.06 -19.16
N SER B 204 -36.91 18.57 -17.99
CA SER B 204 -37.81 17.93 -16.98
C SER B 204 -38.83 18.93 -16.43
N TRP B 205 -38.57 20.24 -16.50
CA TRP B 205 -39.49 21.28 -15.98
C TRP B 205 -40.27 21.93 -17.13
N THR B 206 -39.59 22.62 -18.05
CA THR B 206 -40.21 23.48 -19.09
C THR B 206 -40.02 22.88 -20.49
N GLY B 207 -39.46 21.67 -20.61
CA GLY B 207 -39.41 20.92 -21.87
C GLY B 207 -38.29 21.39 -22.79
N TRP B 208 -38.49 21.16 -24.09
CA TRP B 208 -37.43 21.21 -25.15
C TRP B 208 -37.53 22.50 -25.98
N GLN B 209 -38.61 23.27 -25.84
CA GLN B 209 -38.88 24.47 -26.68
C GLN B 209 -39.16 25.67 -25.78
N TYR B 210 -38.43 25.80 -24.66
CA TYR B 210 -38.61 26.91 -23.69
C TYR B 210 -37.27 27.29 -23.06
N SER B 211 -36.81 28.51 -23.35
CA SER B 211 -35.56 29.10 -22.82
C SER B 211 -35.89 29.89 -21.54
N LEU B 212 -35.32 29.49 -20.41
CA LEU B 212 -35.66 30.04 -19.07
C LEU B 212 -35.18 31.49 -18.93
N LYS B 213 -35.78 32.21 -18.01
CA LYS B 213 -35.46 33.64 -17.73
C LYS B 213 -34.19 33.71 -16.87
N PHE B 214 -34.06 32.76 -15.92
CA PHE B 214 -33.05 32.79 -14.85
C PHE B 214 -32.59 31.36 -14.55
N SER B 215 -31.28 31.18 -14.46
CA SER B 215 -30.63 29.99 -13.85
C SER B 215 -29.48 30.47 -12.95
N GLU B 216 -29.31 29.81 -11.82
CA GLU B 216 -28.10 29.91 -10.97
C GLU B 216 -27.69 28.50 -10.56
N MET B 217 -26.42 28.16 -10.82
CA MET B 217 -25.81 26.90 -10.35
C MET B 217 -24.81 27.27 -9.26
N LYS B 218 -24.90 26.60 -8.11
CA LYS B 218 -24.14 26.98 -6.90
C LYS B 218 -23.87 25.72 -6.07
N ILE B 219 -22.82 25.77 -5.26
CA ILE B 219 -22.30 24.60 -4.51
C ILE B 219 -22.09 24.98 -3.04
N ARG B 220 -22.16 23.96 -2.18
CA ARG B 220 -21.97 24.10 -0.72
C ARG B 220 -21.46 22.76 -0.19
N PRO B 221 -20.46 22.75 0.70
CA PRO B 221 -19.98 21.51 1.30
C PRO B 221 -21.12 20.77 2.01
N VAL B 222 -21.14 19.44 1.94
CA VAL B 222 -22.16 18.58 2.62
C VAL B 222 -21.59 18.13 3.97
C1 NAG C . 17.67 -2.65 17.61
C2 NAG C . 17.16 -3.15 18.96
C3 NAG C . 17.96 -2.43 20.05
C4 NAG C . 19.43 -2.84 19.92
C5 NAG C . 19.97 -2.66 18.49
C6 NAG C . 21.24 -3.48 18.29
C7 NAG C . 15.04 -1.85 19.07
C8 NAG C . 13.55 -1.98 19.21
N2 NAG C . 15.71 -3.01 19.10
O3 NAG C . 17.42 -2.76 21.36
O4 NAG C . 20.27 -2.20 20.93
O5 NAG C . 19.03 -3.09 17.49
O6 NAG C . 21.76 -3.31 16.97
O7 NAG C . 15.57 -0.75 18.95
C1 NAG C . 20.80 -0.88 20.66
C2 NAG C . 21.18 -0.26 22.00
C3 NAG C . 21.91 1.08 21.89
C4 NAG C . 22.88 1.25 20.72
C5 NAG C . 22.44 0.46 19.48
C6 NAG C . 23.56 0.35 18.44
C7 NAG C . 19.05 0.81 22.63
C8 NAG C . 17.99 0.91 23.71
N2 NAG C . 20.01 -0.08 22.88
O3 NAG C . 22.61 1.28 23.13
O4 NAG C . 22.92 2.66 20.44
O5 NAG C . 21.99 -0.85 19.86
O6 NAG C . 24.09 -0.98 18.40
O7 NAG C . 19.01 1.51 21.63
C1 BMA C . 24.24 3.19 20.25
C2 BMA C . 24.24 4.72 20.11
C3 BMA C . 25.68 5.19 19.85
C4 BMA C . 26.70 4.56 20.80
C5 BMA C . 26.52 3.05 20.93
C6 BMA C . 27.48 2.44 21.96
O2 BMA C . 23.71 5.38 21.26
O3 BMA C . 25.75 6.62 19.94
O4 BMA C . 28.03 4.82 20.32
O5 BMA C . 25.15 2.79 21.29
O6 BMA C . 27.21 1.05 22.14
CA CA D . 18.54 -36.19 -3.97
S SO4 E . 34.63 -27.49 -0.55
O1 SO4 E . 34.53 -27.99 0.80
O2 SO4 E . 33.93 -26.25 -0.66
O3 SO4 E . 34.04 -28.44 -1.44
O4 SO4 E . 36.01 -27.31 -0.88
S SO4 F . 10.03 -30.12 3.21
O1 SO4 F . 11.17 -29.93 4.09
O2 SO4 F . 8.90 -30.52 4.00
O3 SO4 F . 9.74 -28.89 2.53
O4 SO4 F . 10.33 -31.15 2.25
C ACY G . 26.74 -14.45 21.00
O ACY G . 26.76 -15.68 21.33
OXT ACY G . 26.32 -14.03 19.91
CH3 ACY G . 27.30 -13.43 21.99
C ACY H . 11.49 -25.65 -0.77
O ACY H . 11.79 -26.83 -0.51
OXT ACY H . 10.39 -25.30 -1.23
CH3 ACY H . 12.54 -24.57 -0.50
CA CA I . -19.07 14.42 -31.03
S SO4 J . -14.63 32.13 -28.35
O1 SO4 J . -13.86 33.29 -28.65
O2 SO4 J . -14.57 31.84 -26.94
O3 SO4 J . -16.00 32.34 -28.74
O4 SO4 J . -14.11 31.01 -29.07
C1 GOL K . -13.05 35.81 -10.62
O1 GOL K . -12.95 34.61 -9.86
C2 GOL K . -11.94 36.79 -10.31
O2 GOL K . -11.63 36.79 -8.92
C3 GOL K . -10.67 36.53 -11.08
O3 GOL K . -9.84 37.69 -11.08
C ACY L . -28.54 35.58 -5.90
O ACY L . -27.71 34.70 -5.52
OXT ACY L . -29.19 35.53 -6.97
CH3 ACY L . -28.76 36.80 -4.98
#